data_1QCI
#
_entry.id   1QCI
#
_cell.length_a   48.480
_cell.length_b   49.030
_cell.length_c   63.870
_cell.angle_alpha   68.790
_cell.angle_beta   81.050
_cell.angle_gamma   63.880
#
_symmetry.space_group_name_H-M   'P 1'
#
loop_
_entity.id
_entity.type
_entity.pdbx_description
1 polymer 'POKEWEED ANTIVIRAL PROTEIN'
2 non-polymer ADENINE
3 water water
#
_entity_poly.entity_id   1
_entity_poly.type   'polypeptide(L)'
_entity_poly.pdbx_seq_one_letter_code
;VNTIIYNVGSTTISKYATFLNDLRNEAKDPSLKCYGIPMLPNTNTNPKYVLVELQGSNKKTITLMLRRNNLYVMGYSDPF
ETNKCRYHIFNDISGTERQDVETTLCPNANSRVSKNINFDSRYPTLESKAGVKSRSQVQLGIQILDSNIGKISGVMSFTE
KTEAEFLLVAIQMVSEAARFKYIENQVKTNFNRAFNPNPKVLNLQETWGKISTAIHDAKNGVLPKPLELVDASGAKWIVL
RVDEIKPDVALLNYVGGSCQTT
;
_entity_poly.pdbx_strand_id   A,B
#
loop_
_chem_comp.id
_chem_comp.type
_chem_comp.name
_chem_comp.formula
ADE non-polymer ADENINE 'C5 H5 N5'
#
# COMPACT_ATOMS: atom_id res chain seq x y z
N VAL A 1 3.39 2.23 -24.80
CA VAL A 1 2.34 1.38 -24.19
C VAL A 1 1.83 0.34 -25.19
N ASN A 2 1.96 -0.93 -24.81
CA ASN A 2 1.52 -2.04 -25.62
C ASN A 2 0.18 -2.55 -25.11
N THR A 3 -0.69 -2.94 -26.03
CA THR A 3 -1.99 -3.46 -25.67
C THR A 3 -2.13 -4.95 -26.00
N ILE A 4 -2.65 -5.71 -25.04
CA ILE A 4 -2.86 -7.14 -25.16
C ILE A 4 -4.32 -7.29 -25.57
N ILE A 5 -4.57 -7.99 -26.67
CA ILE A 5 -5.95 -8.18 -27.12
C ILE A 5 -6.45 -9.59 -26.81
N TYR A 6 -7.60 -9.67 -26.15
CA TYR A 6 -8.18 -10.94 -25.77
C TYR A 6 -9.65 -10.98 -26.18
N ASN A 7 -9.98 -11.93 -27.05
CA ASN A 7 -11.35 -12.13 -27.54
C ASN A 7 -12.11 -12.95 -26.51
N VAL A 8 -13.05 -12.32 -25.83
CA VAL A 8 -13.86 -12.98 -24.81
C VAL A 8 -15.03 -13.72 -25.46
N GLY A 9 -15.64 -13.09 -26.46
CA GLY A 9 -16.77 -13.68 -27.16
C GLY A 9 -16.52 -15.03 -27.80
N SER A 10 -15.26 -15.35 -28.06
CA SER A 10 -14.91 -16.62 -28.69
C SER A 10 -13.50 -17.02 -28.29
N THR A 11 -13.41 -17.98 -27.37
CA THR A 11 -12.14 -18.45 -26.87
C THR A 11 -12.11 -19.90 -26.40
N THR A 12 -10.93 -20.30 -25.94
CA THR A 12 -10.66 -21.63 -25.42
C THR A 12 -9.77 -21.40 -24.20
N ILE A 13 -9.55 -22.45 -23.43
CA ILE A 13 -8.70 -22.35 -22.25
C ILE A 13 -7.28 -22.09 -22.68
N SER A 14 -6.98 -22.51 -23.89
CA SER A 14 -5.64 -22.35 -24.48
C SER A 14 -5.40 -20.87 -24.83
N LYS A 15 -6.44 -20.21 -25.32
CA LYS A 15 -6.33 -18.81 -25.69
C LYS A 15 -6.24 -17.96 -24.42
N TYR A 16 -7.00 -18.32 -23.39
CA TYR A 16 -6.97 -17.60 -22.13
C TYR A 16 -5.58 -17.69 -21.50
N ALA A 17 -4.98 -18.88 -21.55
CA ALA A 17 -3.64 -19.10 -21.00
C ALA A 17 -2.59 -18.24 -21.72
N THR A 18 -2.74 -18.11 -23.04
CA THR A 18 -1.84 -17.31 -23.87
C THR A 18 -1.98 -15.84 -23.53
N PHE A 19 -3.23 -15.40 -23.36
CA PHE A 19 -3.52 -14.03 -23.02
C PHE A 19 -2.79 -13.65 -21.74
N LEU A 20 -3.04 -14.39 -20.66
CA LEU A 20 -2.39 -14.13 -19.38
C LEU A 20 -0.88 -14.20 -19.50
N ASN A 21 -0.40 -15.08 -20.36
CA ASN A 21 1.04 -15.25 -20.58
C ASN A 21 1.68 -14.01 -21.22
N ASP A 22 0.96 -13.41 -22.17
CA ASP A 22 1.43 -12.21 -22.85
C ASP A 22 1.39 -11.05 -21.88
N LEU A 23 0.31 -10.94 -21.11
CA LEU A 23 0.15 -9.87 -20.12
C LEU A 23 1.26 -9.92 -19.10
N ARG A 24 1.53 -11.11 -18.56
CA ARG A 24 2.57 -11.28 -17.57
C ARG A 24 3.92 -10.88 -18.14
N ASN A 25 4.19 -11.26 -19.38
CA ASN A 25 5.45 -10.94 -20.03
C ASN A 25 5.57 -9.46 -20.38
N GLU A 26 4.42 -8.79 -20.52
CA GLU A 26 4.39 -7.37 -20.86
C GLU A 26 4.54 -6.52 -19.59
N ALA A 27 3.83 -6.91 -18.53
CA ALA A 27 3.85 -6.21 -17.25
C ALA A 27 5.14 -6.36 -16.44
N LYS A 28 5.65 -7.58 -16.36
CA LYS A 28 6.86 -7.86 -15.59
C LYS A 28 8.08 -7.02 -15.98
N ASP A 29 9.01 -6.91 -15.04
CA ASP A 29 10.27 -6.21 -15.26
C ASP A 29 11.15 -7.20 -16.00
N PRO A 30 11.84 -6.75 -17.07
CA PRO A 30 12.73 -7.62 -17.86
C PRO A 30 13.70 -8.51 -17.09
N SER A 31 14.18 -8.06 -15.93
CA SER A 31 15.13 -8.86 -15.17
C SER A 31 14.75 -9.16 -13.72
N LEU A 32 13.94 -8.29 -13.12
CA LEU A 32 13.49 -8.45 -11.75
C LEU A 32 12.75 -9.79 -11.53
N LYS A 33 13.25 -10.59 -10.59
CA LYS A 33 12.65 -11.88 -10.27
C LYS A 33 13.25 -12.47 -8.99
N CYS A 34 12.42 -13.09 -8.17
CA CYS A 34 12.88 -13.71 -6.92
C CYS A 34 12.44 -15.17 -6.87
N TYR A 35 13.40 -16.06 -6.66
CA TYR A 35 13.12 -17.49 -6.58
C TYR A 35 12.40 -18.01 -7.81
N GLY A 36 12.79 -17.51 -8.98
CA GLY A 36 12.19 -17.95 -10.23
C GLY A 36 10.84 -17.33 -10.56
N ILE A 37 10.38 -16.43 -9.69
CA ILE A 37 9.09 -15.78 -9.93
C ILE A 37 9.37 -14.35 -10.42
N PRO A 38 8.88 -14.03 -11.62
CA PRO A 38 9.11 -12.67 -12.15
C PRO A 38 8.41 -11.63 -11.28
N MET A 39 9.05 -10.47 -11.12
CA MET A 39 8.52 -9.38 -10.31
C MET A 39 8.16 -8.16 -11.15
N LEU A 40 7.11 -7.44 -10.73
CA LEU A 40 6.66 -6.26 -11.44
C LEU A 40 7.71 -5.17 -11.37
N PRO A 41 7.66 -4.17 -12.28
CA PRO A 41 8.69 -3.14 -12.22
C PRO A 41 8.58 -1.99 -11.20
N ASN A 42 9.70 -1.33 -11.01
CA ASN A 42 9.81 -0.14 -10.15
C ASN A 42 8.92 0.89 -10.85
N THR A 43 8.35 1.82 -10.09
CA THR A 43 7.48 2.85 -10.63
C THR A 43 8.16 3.81 -11.64
N ASN A 44 9.48 3.79 -11.65
CA ASN A 44 10.26 4.64 -12.55
C ASN A 44 10.47 4.04 -13.93
N THR A 45 10.17 2.75 -14.08
CA THR A 45 10.36 2.07 -15.34
C THR A 45 9.29 2.40 -16.39
N ASN A 46 9.74 2.55 -17.63
CA ASN A 46 8.86 2.85 -18.74
C ASN A 46 8.85 1.67 -19.73
N PRO A 47 7.67 1.37 -20.31
CA PRO A 47 6.46 2.13 -20.01
C PRO A 47 5.95 1.83 -18.60
N LYS A 48 5.03 2.66 -18.13
CA LYS A 48 4.50 2.48 -16.80
C LYS A 48 3.19 1.76 -16.87
N TYR A 49 2.66 1.63 -18.08
CA TYR A 49 1.37 1.01 -18.26
C TYR A 49 1.34 -0.08 -19.32
N VAL A 50 0.19 -0.74 -19.38
CA VAL A 50 -0.09 -1.80 -20.35
C VAL A 50 -1.60 -1.85 -20.49
N LEU A 51 -2.07 -1.88 -21.73
CA LEU A 51 -3.50 -1.94 -22.03
C LEU A 51 -3.96 -3.36 -22.32
N VAL A 52 -5.23 -3.64 -22.02
CA VAL A 52 -5.82 -4.95 -22.24
C VAL A 52 -7.15 -4.74 -22.94
N GLU A 53 -7.19 -5.05 -24.23
CA GLU A 53 -8.41 -4.90 -24.98
C GLU A 53 -9.26 -6.17 -24.89
N LEU A 54 -10.44 -6.06 -24.29
CA LEU A 54 -11.36 -7.17 -24.13
C LEU A 54 -12.44 -7.12 -25.20
N GLN A 55 -12.33 -8.00 -26.19
CA GLN A 55 -13.29 -8.04 -27.27
C GLN A 55 -14.47 -8.98 -26.98
N GLY A 56 -15.58 -8.39 -26.55
CA GLY A 56 -16.77 -9.17 -26.26
C GLY A 56 -17.61 -9.52 -27.47
N SER A 57 -18.78 -10.10 -27.24
CA SER A 57 -19.68 -10.50 -28.31
C SER A 57 -20.46 -9.31 -28.82
N ASN A 58 -20.94 -9.43 -30.06
CA ASN A 58 -21.73 -8.38 -30.71
C ASN A 58 -20.99 -7.05 -30.88
N LYS A 59 -19.68 -7.16 -31.12
CA LYS A 59 -18.79 -6.02 -31.30
C LYS A 59 -18.83 -5.03 -30.14
N LYS A 60 -18.81 -5.56 -28.93
CA LYS A 60 -18.81 -4.74 -27.72
C LYS A 60 -17.42 -4.94 -27.13
N THR A 61 -16.66 -3.86 -27.03
CA THR A 61 -15.31 -3.94 -26.50
C THR A 61 -15.07 -2.95 -25.35
N ILE A 62 -14.11 -3.29 -24.50
CA ILE A 62 -13.72 -2.45 -23.38
C ILE A 62 -12.22 -2.62 -23.19
N THR A 63 -11.50 -1.50 -23.13
CA THR A 63 -10.06 -1.53 -22.92
C THR A 63 -9.71 -1.14 -21.49
N LEU A 64 -8.93 -2.01 -20.84
CA LEU A 64 -8.48 -1.83 -19.48
C LEU A 64 -7.07 -1.26 -19.43
N MET A 65 -6.86 -0.27 -18.56
CA MET A 65 -5.55 0.32 -18.37
C MET A 65 -5.00 -0.17 -17.05
N LEU A 66 -3.83 -0.80 -17.10
CA LEU A 66 -3.20 -1.34 -15.91
C LEU A 66 -1.84 -0.74 -15.64
N ARG A 67 -1.53 -0.48 -14.37
CA ARG A 67 -0.24 0.04 -13.97
C ARG A 67 0.68 -1.16 -13.84
N ARG A 68 1.81 -1.16 -14.54
CA ARG A 68 2.72 -2.30 -14.48
C ARG A 68 3.30 -2.55 -13.09
N ASN A 69 3.59 -1.47 -12.37
CA ASN A 69 4.17 -1.57 -11.02
C ASN A 69 3.41 -2.48 -10.03
N ASN A 70 2.07 -2.44 -10.07
CA ASN A 70 1.26 -3.26 -9.17
C ASN A 70 0.07 -3.96 -9.85
N LEU A 71 0.00 -3.88 -11.17
CA LEU A 71 -1.08 -4.50 -11.96
C LEU A 71 -2.49 -4.02 -11.66
N TYR A 72 -2.61 -2.87 -10.99
CA TYR A 72 -3.93 -2.34 -10.70
C TYR A 72 -4.59 -1.81 -11.95
N VAL A 73 -5.91 -1.94 -11.99
CA VAL A 73 -6.72 -1.44 -13.09
C VAL A 73 -7.02 0.00 -12.69
N MET A 74 -6.48 0.95 -13.46
CA MET A 74 -6.66 2.37 -13.19
C MET A 74 -7.92 2.93 -13.81
N GLY A 75 -8.40 2.26 -14.85
CA GLY A 75 -9.61 2.70 -15.52
C GLY A 75 -9.81 1.92 -16.81
N TYR A 76 -10.85 2.27 -17.56
CA TYR A 76 -11.13 1.57 -18.82
C TYR A 76 -11.80 2.50 -19.80
N SER A 77 -11.87 2.06 -21.06
CA SER A 77 -12.51 2.86 -22.08
C SER A 77 -13.38 1.96 -22.95
N ASP A 78 -14.33 2.58 -23.65
CA ASP A 78 -15.20 1.83 -24.53
C ASP A 78 -15.57 2.67 -25.74
N PRO A 79 -15.73 2.02 -26.91
CA PRO A 79 -16.09 2.79 -28.09
C PRO A 79 -17.47 3.36 -27.80
N PHE A 80 -17.61 4.66 -27.99
CA PHE A 80 -18.86 5.33 -27.69
C PHE A 80 -19.37 6.18 -28.82
N GLU A 81 -20.70 6.28 -28.88
CA GLU A 81 -21.40 7.03 -29.91
C GLU A 81 -20.81 6.76 -31.28
N THR A 82 -20.64 7.80 -32.09
CA THR A 82 -20.09 7.64 -33.44
C THR A 82 -18.64 7.17 -33.50
N ASN A 83 -17.71 8.08 -33.30
CA ASN A 83 -16.29 7.76 -33.34
C ASN A 83 -15.63 8.25 -32.07
N LYS A 84 -16.38 8.22 -30.98
CA LYS A 84 -15.86 8.67 -29.69
C LYS A 84 -15.23 7.54 -28.88
N CYS A 85 -14.35 7.95 -27.97
CA CYS A 85 -13.66 7.03 -27.08
C CYS A 85 -13.96 7.56 -25.70
N ARG A 86 -14.78 6.83 -24.96
CA ARG A 86 -15.16 7.23 -23.61
C ARG A 86 -14.24 6.59 -22.56
N TYR A 87 -13.53 7.43 -21.82
CA TYR A 87 -12.63 6.95 -20.78
C TYR A 87 -13.27 7.10 -19.39
N HIS A 88 -12.98 6.13 -18.52
CA HIS A 88 -13.54 6.09 -17.17
C HIS A 88 -12.38 5.89 -16.19
N ILE A 89 -12.04 6.94 -15.45
CA ILE A 89 -10.92 6.87 -14.50
C ILE A 89 -11.44 6.52 -13.11
N PHE A 90 -10.68 5.69 -12.39
CA PHE A 90 -11.06 5.30 -11.04
C PHE A 90 -10.88 6.52 -10.13
N ASN A 91 -11.84 6.71 -9.24
CA ASN A 91 -11.88 7.78 -8.25
C ASN A 91 -10.55 7.89 -7.51
N ASP A 92 -9.89 6.75 -7.33
CA ASP A 92 -8.63 6.71 -6.60
C ASP A 92 -7.37 6.99 -7.41
N ILE A 93 -7.53 7.51 -8.61
CA ILE A 93 -6.37 7.84 -9.44
C ILE A 93 -6.16 9.33 -9.22
N SER A 94 -4.92 9.71 -8.90
CA SER A 94 -4.61 11.12 -8.61
C SER A 94 -3.46 11.74 -9.42
N GLY A 95 -3.50 13.07 -9.52
CA GLY A 95 -2.47 13.84 -10.20
C GLY A 95 -2.25 13.61 -11.67
N THR A 96 -0.98 13.49 -12.04
CA THR A 96 -0.58 13.28 -13.42
C THR A 96 -1.09 11.95 -13.96
N GLU A 97 -1.22 10.96 -13.09
CA GLU A 97 -1.71 9.65 -13.50
C GLU A 97 -3.12 9.74 -14.10
N ARG A 98 -3.89 10.73 -13.66
CA ARG A 98 -5.23 10.95 -14.19
C ARG A 98 -5.20 11.38 -15.66
N GLN A 99 -4.17 12.14 -16.03
CA GLN A 99 -4.02 12.60 -17.40
C GLN A 99 -3.46 11.45 -18.22
N ASP A 100 -2.60 10.66 -17.59
CA ASP A 100 -2.03 9.48 -18.24
C ASP A 100 -3.13 8.50 -18.65
N VAL A 101 -4.12 8.31 -17.79
CA VAL A 101 -5.24 7.41 -18.07
C VAL A 101 -6.04 7.93 -19.27
N GLU A 102 -6.39 9.21 -19.23
CA GLU A 102 -7.14 9.83 -20.31
C GLU A 102 -6.39 9.80 -21.66
N THR A 103 -5.15 10.25 -21.69
CA THR A 103 -4.38 10.28 -22.94
C THR A 103 -3.88 8.92 -23.43
N THR A 104 -3.72 7.96 -22.51
CA THR A 104 -3.24 6.62 -22.87
C THR A 104 -4.36 5.78 -23.47
N LEU A 105 -5.55 5.84 -22.85
CA LEU A 105 -6.70 5.08 -23.31
C LEU A 105 -7.29 5.64 -24.59
N CYS A 106 -7.46 6.96 -24.63
CA CYS A 106 -8.02 7.65 -25.79
C CYS A 106 -7.01 8.66 -26.39
N PRO A 107 -6.00 8.17 -27.13
CA PRO A 107 -4.95 8.97 -27.75
C PRO A 107 -5.44 10.16 -28.61
N ASN A 108 -6.68 10.09 -29.06
CA ASN A 108 -7.26 11.15 -29.89
C ASN A 108 -7.96 12.21 -29.02
N ALA A 109 -7.23 13.31 -28.77
CA ALA A 109 -7.74 14.41 -27.96
C ALA A 109 -9.05 14.98 -28.49
N ASN A 110 -9.28 14.83 -29.79
CA ASN A 110 -10.49 15.37 -30.40
C ASN A 110 -11.78 14.58 -30.23
N SER A 111 -11.68 13.26 -30.07
CA SER A 111 -12.88 12.43 -29.96
C SER A 111 -13.14 11.77 -28.61
N ARG A 112 -12.35 12.08 -27.59
CA ARG A 112 -12.55 11.45 -26.30
C ARG A 112 -13.57 12.11 -25.39
N VAL A 113 -14.39 11.28 -24.76
CA VAL A 113 -15.45 11.69 -23.84
C VAL A 113 -15.16 11.08 -22.47
N SER A 114 -15.50 11.80 -21.40
CA SER A 114 -15.25 11.33 -20.04
C SER A 114 -16.48 10.86 -19.30
N LYS A 115 -16.32 9.79 -18.54
CA LYS A 115 -17.38 9.23 -17.70
C LYS A 115 -16.65 8.55 -16.55
N ASN A 116 -16.29 9.36 -15.56
CA ASN A 116 -15.56 8.92 -14.38
C ASN A 116 -16.24 7.81 -13.60
N ILE A 117 -15.42 6.96 -13.01
CA ILE A 117 -15.91 5.87 -12.16
C ILE A 117 -15.95 6.56 -10.79
N ASN A 118 -17.15 6.91 -10.35
CA ASN A 118 -17.34 7.63 -9.08
C ASN A 118 -17.18 6.87 -7.75
N PHE A 119 -16.19 5.98 -7.71
CA PHE A 119 -15.86 5.19 -6.55
C PHE A 119 -14.47 4.60 -6.75
N ASP A 120 -13.82 4.18 -5.67
CA ASP A 120 -12.48 3.62 -5.79
C ASP A 120 -12.49 2.16 -6.22
N SER A 121 -11.30 1.61 -6.44
CA SER A 121 -11.11 0.25 -6.88
C SER A 121 -10.94 -0.83 -5.80
N ARG A 122 -11.12 -0.45 -4.55
CA ARG A 122 -10.99 -1.42 -3.45
C ARG A 122 -12.16 -2.40 -3.46
N TYR A 123 -11.89 -3.67 -3.22
CA TYR A 123 -12.94 -4.70 -3.20
C TYR A 123 -14.12 -4.39 -2.30
N PRO A 124 -13.87 -3.87 -1.08
CA PRO A 124 -15.04 -3.58 -0.25
C PRO A 124 -15.97 -2.54 -0.85
N THR A 125 -15.40 -1.59 -1.59
CA THR A 125 -16.18 -0.54 -2.26
C THR A 125 -16.97 -1.16 -3.42
N LEU A 126 -16.27 -1.96 -4.22
CA LEU A 126 -16.89 -2.63 -5.36
C LEU A 126 -18.03 -3.55 -4.87
N GLU A 127 -17.77 -4.31 -3.82
CA GLU A 127 -18.75 -5.22 -3.23
C GLU A 127 -19.96 -4.44 -2.77
N SER A 128 -19.71 -3.31 -2.10
CA SER A 128 -20.79 -2.46 -1.63
C SER A 128 -21.64 -1.93 -2.78
N LYS A 129 -20.99 -1.50 -3.86
CA LYS A 129 -21.70 -0.97 -5.05
C LYS A 129 -22.47 -2.08 -5.75
N ALA A 130 -21.90 -3.28 -5.74
CA ALA A 130 -22.52 -4.46 -6.35
C ALA A 130 -23.73 -4.89 -5.51
N GLY A 131 -23.76 -4.46 -4.25
CA GLY A 131 -24.84 -4.80 -3.35
C GLY A 131 -24.68 -6.14 -2.65
N VAL A 132 -23.44 -6.59 -2.49
CA VAL A 132 -23.15 -7.87 -1.85
C VAL A 132 -22.26 -7.68 -0.63
N LYS A 133 -22.21 -8.69 0.23
CA LYS A 133 -21.38 -8.61 1.42
C LYS A 133 -19.98 -9.08 1.07
N SER A 134 -19.89 -9.92 0.04
CA SER A 134 -18.62 -10.44 -0.39
C SER A 134 -18.67 -10.80 -1.88
N ARG A 135 -17.54 -10.61 -2.56
CA ARG A 135 -17.43 -10.91 -3.99
C ARG A 135 -17.55 -12.42 -4.26
N SER A 136 -17.63 -13.21 -3.20
CA SER A 136 -17.79 -14.66 -3.31
C SER A 136 -19.20 -14.93 -3.83
N GLN A 137 -20.08 -13.97 -3.60
CA GLN A 137 -21.47 -14.06 -4.02
C GLN A 137 -21.62 -13.68 -5.47
N VAL A 138 -20.55 -13.12 -6.04
CA VAL A 138 -20.56 -12.71 -7.44
C VAL A 138 -19.83 -13.75 -8.28
N GLN A 139 -20.58 -14.44 -9.13
CA GLN A 139 -19.99 -15.46 -9.98
C GLN A 139 -19.12 -14.91 -11.09
N LEU A 140 -18.02 -15.63 -11.34
CA LEU A 140 -17.07 -15.30 -12.39
C LEU A 140 -17.35 -16.28 -13.53
N GLY A 141 -16.83 -15.98 -14.71
CA GLY A 141 -17.04 -16.85 -15.85
C GLY A 141 -16.84 -16.07 -17.15
N ILE A 142 -16.45 -16.77 -18.21
CA ILE A 142 -16.21 -16.16 -19.51
C ILE A 142 -17.46 -15.53 -20.10
N GLN A 143 -18.58 -16.25 -20.04
CA GLN A 143 -19.84 -15.71 -20.54
C GLN A 143 -20.34 -14.57 -19.66
N ILE A 144 -19.98 -14.58 -18.38
CA ILE A 144 -20.38 -13.53 -17.45
C ILE A 144 -19.62 -12.25 -17.79
N LEU A 145 -18.33 -12.40 -18.01
CA LEU A 145 -17.44 -11.30 -18.38
C LEU A 145 -17.93 -10.70 -19.70
N ASP A 146 -18.25 -11.57 -20.64
CA ASP A 146 -18.75 -11.18 -21.94
C ASP A 146 -20.05 -10.38 -21.79
N SER A 147 -20.93 -10.91 -20.94
CA SER A 147 -22.22 -10.31 -20.66
C SER A 147 -22.10 -8.94 -20.00
N ASN A 148 -21.12 -8.77 -19.12
CA ASN A 148 -20.92 -7.49 -18.42
C ASN A 148 -20.32 -6.42 -19.35
N ILE A 149 -19.52 -6.88 -20.32
CA ILE A 149 -18.93 -6.00 -21.31
C ILE A 149 -20.07 -5.40 -22.15
N GLY A 150 -21.05 -6.24 -22.50
CA GLY A 150 -22.17 -5.79 -23.30
C GLY A 150 -23.12 -4.84 -22.61
N LYS A 151 -23.12 -4.86 -21.27
CA LYS A 151 -23.99 -3.98 -20.51
C LYS A 151 -23.39 -2.59 -20.33
N ILE A 152 -22.09 -2.45 -20.63
CA ILE A 152 -21.39 -1.19 -20.45
C ILE A 152 -20.86 -0.57 -21.75
N SER A 153 -20.23 -1.38 -22.59
CA SER A 153 -19.68 -0.92 -23.86
C SER A 153 -20.72 -0.24 -24.76
N GLY A 154 -20.49 1.04 -25.04
CA GLY A 154 -21.39 1.80 -25.88
C GLY A 154 -22.73 2.18 -25.27
N VAL A 155 -22.99 1.83 -24.01
CA VAL A 155 -24.27 2.18 -23.39
C VAL A 155 -24.16 3.50 -22.63
N MET A 156 -25.05 4.43 -22.95
CA MET A 156 -25.06 5.76 -22.36
C MET A 156 -24.95 5.77 -20.84
N SER A 157 -26.02 5.38 -20.16
CA SER A 157 -26.03 5.34 -18.71
C SER A 157 -26.11 3.91 -18.26
N PHE A 158 -25.53 3.65 -17.09
CA PHE A 158 -25.55 2.35 -16.46
C PHE A 158 -25.32 2.53 -14.96
N THR A 159 -26.09 1.77 -14.18
CA THR A 159 -26.01 1.80 -12.73
C THR A 159 -24.60 1.54 -12.18
N GLU A 160 -24.34 2.04 -10.97
CA GLU A 160 -23.05 1.82 -10.30
C GLU A 160 -22.89 0.33 -9.97
N LYS A 161 -24.03 -0.35 -9.80
CA LYS A 161 -24.08 -1.78 -9.52
C LYS A 161 -23.60 -2.54 -10.74
N THR A 162 -24.18 -2.18 -11.89
CA THR A 162 -23.82 -2.79 -13.15
C THR A 162 -22.33 -2.61 -13.40
N GLU A 163 -21.84 -1.39 -13.15
CA GLU A 163 -20.43 -1.08 -13.35
C GLU A 163 -19.54 -1.86 -12.39
N ALA A 164 -19.92 -1.90 -11.12
CA ALA A 164 -19.15 -2.62 -10.10
C ALA A 164 -19.04 -4.13 -10.40
N GLU A 165 -20.13 -4.73 -10.89
CA GLU A 165 -20.13 -6.15 -11.24
C GLU A 165 -19.13 -6.41 -12.36
N PHE A 166 -19.12 -5.55 -13.37
CA PHE A 166 -18.15 -5.70 -14.46
C PHE A 166 -16.73 -5.60 -13.90
N LEU A 167 -16.46 -4.54 -13.13
CA LEU A 167 -15.14 -4.34 -12.55
C LEU A 167 -14.70 -5.51 -11.68
N LEU A 168 -15.61 -6.04 -10.87
CA LEU A 168 -15.29 -7.19 -10.00
C LEU A 168 -14.81 -8.37 -10.84
N VAL A 169 -15.61 -8.74 -11.84
CA VAL A 169 -15.30 -9.86 -12.74
C VAL A 169 -14.04 -9.62 -13.56
N ALA A 170 -13.92 -8.43 -14.15
CA ALA A 170 -12.78 -8.07 -14.98
C ALA A 170 -11.46 -8.01 -14.23
N ILE A 171 -11.47 -7.39 -13.06
CA ILE A 171 -10.26 -7.29 -12.26
C ILE A 171 -9.79 -8.67 -11.81
N GLN A 172 -10.73 -9.53 -11.43
CA GLN A 172 -10.37 -10.88 -10.98
C GLN A 172 -9.91 -11.78 -12.11
N MET A 173 -10.64 -11.76 -13.23
CA MET A 173 -10.30 -12.59 -14.37
C MET A 173 -9.13 -12.07 -15.20
N VAL A 174 -8.76 -10.80 -14.98
CA VAL A 174 -7.62 -10.23 -15.69
C VAL A 174 -6.41 -10.03 -14.78
N SER A 175 -6.49 -9.09 -13.84
CA SER A 175 -5.39 -8.80 -12.92
C SER A 175 -5.04 -9.93 -11.93
N GLU A 176 -6.06 -10.45 -11.22
CA GLU A 176 -5.81 -11.52 -10.26
C GLU A 176 -5.33 -12.82 -10.89
N ALA A 177 -5.83 -13.13 -12.08
CA ALA A 177 -5.42 -14.34 -12.79
C ALA A 177 -3.96 -14.25 -13.24
N ALA A 178 -3.56 -13.08 -13.71
CA ALA A 178 -2.18 -12.84 -14.16
C ALA A 178 -1.19 -12.95 -13.00
N ARG A 179 -1.62 -12.49 -11.83
CA ARG A 179 -0.78 -12.55 -10.65
C ARG A 179 -0.65 -13.98 -10.12
N PHE A 180 -1.77 -14.70 -10.08
CA PHE A 180 -1.80 -16.06 -9.54
C PHE A 180 -2.16 -17.18 -10.50
N LYS A 181 -1.26 -18.16 -10.60
CA LYS A 181 -1.45 -19.35 -11.42
C LYS A 181 -2.68 -20.12 -10.93
N TYR A 182 -2.87 -20.12 -9.60
CA TYR A 182 -4.00 -20.80 -9.00
C TYR A 182 -5.31 -20.22 -9.51
N ILE A 183 -5.39 -18.89 -9.54
CA ILE A 183 -6.61 -18.24 -9.98
C ILE A 183 -6.88 -18.48 -11.46
N GLU A 184 -5.81 -18.53 -12.25
CA GLU A 184 -5.89 -18.80 -13.67
C GLU A 184 -6.52 -20.19 -13.85
N ASN A 185 -5.99 -21.17 -13.12
CA ASN A 185 -6.48 -22.56 -13.16
C ASN A 185 -7.92 -22.71 -12.69
N GLN A 186 -8.34 -21.87 -11.74
CA GLN A 186 -9.73 -21.92 -11.28
C GLN A 186 -10.64 -21.52 -12.43
N VAL A 187 -10.21 -20.51 -13.21
CA VAL A 187 -10.99 -20.05 -14.35
C VAL A 187 -11.04 -21.13 -15.43
N LYS A 188 -9.90 -21.76 -15.67
CA LYS A 188 -9.80 -22.82 -16.67
C LYS A 188 -10.62 -24.08 -16.33
N THR A 189 -10.67 -24.44 -15.05
CA THR A 189 -11.42 -25.61 -14.60
C THR A 189 -12.92 -25.41 -14.77
N ASN A 190 -13.34 -24.15 -14.67
CA ASN A 190 -14.75 -23.80 -14.80
C ASN A 190 -14.97 -22.92 -16.01
N PHE A 191 -14.11 -23.08 -17.00
CA PHE A 191 -14.15 -22.27 -18.22
C PHE A 191 -15.49 -22.19 -18.94
N ASN A 192 -16.25 -23.27 -18.94
CA ASN A 192 -17.52 -23.27 -19.64
C ASN A 192 -18.76 -22.97 -18.82
N ARG A 193 -18.56 -22.52 -17.59
CA ARG A 193 -19.68 -22.22 -16.70
C ARG A 193 -19.32 -21.11 -15.71
N ALA A 194 -20.30 -20.70 -14.93
CA ALA A 194 -20.13 -19.67 -13.91
C ALA A 194 -19.71 -20.34 -12.59
N PHE A 195 -18.91 -19.64 -11.79
CA PHE A 195 -18.48 -20.20 -10.52
C PHE A 195 -18.23 -19.12 -9.48
N ASN A 196 -18.33 -19.49 -8.21
CA ASN A 196 -18.10 -18.54 -7.11
C ASN A 196 -16.64 -18.68 -6.67
N PRO A 197 -15.91 -17.56 -6.62
CA PRO A 197 -14.51 -17.62 -6.19
C PRO A 197 -14.42 -18.18 -4.76
N ASN A 198 -13.58 -19.20 -4.57
CA ASN A 198 -13.45 -19.83 -3.25
C ASN A 198 -12.55 -19.10 -2.25
N PRO A 199 -12.59 -19.49 -0.97
CA PRO A 199 -11.78 -18.84 0.07
C PRO A 199 -10.30 -18.68 -0.27
N LYS A 200 -9.75 -19.57 -1.10
CA LYS A 200 -8.36 -19.49 -1.47
C LYS A 200 -8.09 -18.43 -2.56
N VAL A 201 -8.98 -18.31 -3.54
CA VAL A 201 -8.75 -17.30 -4.56
C VAL A 201 -8.85 -15.91 -3.91
N LEU A 202 -9.88 -15.70 -3.09
CA LEU A 202 -10.07 -14.42 -2.42
C LEU A 202 -8.96 -14.08 -1.43
N ASN A 203 -8.47 -15.07 -0.68
CA ASN A 203 -7.39 -14.84 0.27
C ASN A 203 -6.10 -14.49 -0.46
N LEU A 204 -5.83 -15.23 -1.54
CA LEU A 204 -4.64 -15.01 -2.36
C LEU A 204 -4.64 -13.56 -2.87
N GLN A 205 -5.81 -13.09 -3.31
CA GLN A 205 -5.98 -11.73 -3.81
C GLN A 205 -5.63 -10.70 -2.73
N GLU A 206 -6.14 -10.95 -1.52
CA GLU A 206 -5.94 -10.08 -0.38
C GLU A 206 -4.59 -10.14 0.29
N THR A 207 -3.78 -11.14 -0.02
CA THR A 207 -2.48 -11.27 0.62
C THR A 207 -1.29 -11.20 -0.33
N TRP A 208 -1.55 -10.83 -1.58
CA TRP A 208 -0.51 -10.75 -2.62
C TRP A 208 0.69 -9.89 -2.22
N GLY A 209 0.42 -8.75 -1.58
CA GLY A 209 1.48 -7.86 -1.15
C GLY A 209 2.39 -8.50 -0.12
N LYS A 210 1.76 -9.15 0.87
CA LYS A 210 2.45 -9.85 1.96
C LYS A 210 3.27 -11.03 1.44
N ILE A 211 2.66 -11.80 0.53
CA ILE A 211 3.31 -12.95 -0.12
C ILE A 211 4.56 -12.49 -0.89
N SER A 212 4.40 -11.45 -1.70
CA SER A 212 5.51 -10.89 -2.52
C SER A 212 6.68 -10.44 -1.66
N THR A 213 6.37 -9.77 -0.55
CA THR A 213 7.39 -9.30 0.39
C THR A 213 8.06 -10.50 1.07
N ALA A 214 7.26 -11.47 1.52
CA ALA A 214 7.80 -12.66 2.19
C ALA A 214 8.75 -13.46 1.29
N ILE A 215 8.39 -13.60 0.01
CA ILE A 215 9.21 -14.32 -0.96
C ILE A 215 10.47 -13.50 -1.29
N HIS A 216 10.30 -12.20 -1.52
CA HIS A 216 11.45 -11.35 -1.79
C HIS A 216 12.45 -11.40 -0.62
N ASP A 217 11.94 -11.34 0.60
CA ASP A 217 12.78 -11.36 1.81
C ASP A 217 13.21 -12.74 2.31
N ALA A 218 12.71 -13.80 1.69
CA ALA A 218 13.06 -15.17 2.11
C ALA A 218 14.54 -15.49 1.96
N LYS A 219 15.07 -16.22 2.93
CA LYS A 219 16.48 -16.62 2.93
C LYS A 219 16.55 -18.12 2.67
N ASN A 220 17.18 -18.49 1.55
CA ASN A 220 17.32 -19.89 1.14
C ASN A 220 16.01 -20.66 1.10
N GLY A 221 14.95 -19.96 0.67
CA GLY A 221 13.63 -20.56 0.57
C GLY A 221 12.82 -20.50 1.85
N VAL A 222 13.34 -19.85 2.87
CA VAL A 222 12.64 -19.77 4.14
C VAL A 222 12.01 -18.39 4.35
N LEU A 223 10.69 -18.38 4.49
CA LEU A 223 9.95 -17.15 4.71
C LEU A 223 10.47 -16.48 5.97
N PRO A 224 10.50 -15.12 6.00
CA PRO A 224 11.00 -14.41 7.18
C PRO A 224 10.29 -14.88 8.44
N LYS A 225 8.99 -15.10 8.32
CA LYS A 225 8.18 -15.59 9.42
C LYS A 225 6.99 -16.35 8.82
N PRO A 226 6.39 -17.26 9.59
CA PRO A 226 5.25 -18.05 9.14
C PRO A 226 4.16 -17.17 8.54
N LEU A 227 3.66 -17.57 7.37
CA LEU A 227 2.62 -16.82 6.69
C LEU A 227 1.31 -17.60 6.79
N GLU A 228 0.30 -16.97 7.37
CA GLU A 228 -1.00 -17.60 7.53
C GLU A 228 -1.97 -17.27 6.40
N LEU A 229 -2.13 -18.22 5.48
CA LEU A 229 -3.05 -18.10 4.35
C LEU A 229 -4.24 -19.03 4.60
N VAL A 230 -5.08 -19.25 3.59
CA VAL A 230 -6.21 -20.15 3.73
C VAL A 230 -6.41 -20.93 2.44
N ASP A 231 -6.71 -22.23 2.56
CA ASP A 231 -6.92 -23.07 1.39
C ASP A 231 -8.34 -22.98 0.83
N ALA A 232 -8.58 -23.74 -0.24
CA ALA A 232 -9.87 -23.75 -0.91
C ALA A 232 -11.06 -24.11 -0.04
N SER A 233 -10.84 -24.94 0.97
CA SER A 233 -11.94 -25.34 1.85
C SER A 233 -12.28 -24.22 2.81
N GLY A 234 -11.30 -23.39 3.11
CA GLY A 234 -11.50 -22.28 4.03
C GLY A 234 -10.73 -22.48 5.31
N ALA A 235 -9.85 -23.47 5.31
CA ALA A 235 -9.06 -23.78 6.47
C ALA A 235 -7.78 -22.98 6.47
N LYS A 236 -7.28 -22.67 7.67
CA LYS A 236 -6.05 -21.91 7.82
C LYS A 236 -4.92 -22.73 7.22
N TRP A 237 -3.96 -22.03 6.63
CA TRP A 237 -2.85 -22.69 5.95
C TRP A 237 -1.55 -21.93 6.20
N ILE A 238 -0.72 -22.48 7.08
CA ILE A 238 0.57 -21.88 7.45
C ILE A 238 1.68 -22.28 6.50
N VAL A 239 2.17 -21.30 5.74
CA VAL A 239 3.24 -21.53 4.78
C VAL A 239 4.54 -21.16 5.46
N LEU A 240 5.56 -21.99 5.32
CA LEU A 240 6.85 -21.73 5.95
C LEU A 240 7.95 -21.53 4.94
N ARG A 241 7.72 -22.01 3.73
CA ARG A 241 8.75 -21.93 2.70
C ARG A 241 8.20 -21.43 1.38
N VAL A 242 9.11 -20.91 0.56
CA VAL A 242 8.75 -20.40 -0.74
C VAL A 242 8.13 -21.53 -1.58
N ASP A 243 8.70 -22.73 -1.47
CA ASP A 243 8.25 -23.92 -2.20
C ASP A 243 6.78 -24.24 -1.98
N GLU A 244 6.25 -23.82 -0.83
CA GLU A 244 4.86 -24.06 -0.48
C GLU A 244 3.85 -23.09 -1.11
N ILE A 245 4.30 -21.89 -1.45
CA ILE A 245 3.41 -20.89 -2.04
C ILE A 245 3.67 -20.60 -3.53
N LYS A 246 4.91 -20.79 -3.96
CA LYS A 246 5.31 -20.55 -5.34
C LYS A 246 4.39 -21.14 -6.41
N PRO A 247 3.94 -22.40 -6.24
CA PRO A 247 3.06 -23.01 -7.25
C PRO A 247 1.82 -22.21 -7.60
N ASP A 248 1.34 -21.40 -6.65
CA ASP A 248 0.14 -20.61 -6.87
C ASP A 248 0.38 -19.20 -7.39
N VAL A 249 1.64 -18.79 -7.41
CA VAL A 249 2.03 -17.43 -7.81
C VAL A 249 2.79 -17.32 -9.14
N ALA A 250 2.27 -16.47 -10.02
CA ALA A 250 2.88 -16.21 -11.33
C ALA A 250 3.72 -14.92 -11.34
N LEU A 251 3.22 -13.88 -10.67
CA LEU A 251 3.89 -12.57 -10.60
C LEU A 251 3.98 -11.99 -9.18
N LEU A 252 5.13 -11.38 -8.88
CA LEU A 252 5.35 -10.75 -7.58
C LEU A 252 5.14 -9.24 -7.65
N ASN A 253 4.60 -8.66 -6.58
CA ASN A 253 4.42 -7.22 -6.53
C ASN A 253 5.81 -6.64 -6.41
N TYR A 254 6.01 -5.43 -6.92
CA TYR A 254 7.33 -4.80 -6.83
C TYR A 254 7.74 -4.67 -5.37
N VAL A 255 8.92 -5.15 -5.03
CA VAL A 255 9.44 -5.05 -3.67
C VAL A 255 10.89 -4.57 -3.78
N GLY A 256 11.18 -3.42 -3.19
CA GLY A 256 12.52 -2.87 -3.27
C GLY A 256 13.63 -3.69 -2.68
N GLY A 257 14.82 -3.52 -3.26
CA GLY A 257 15.99 -4.23 -2.78
C GLY A 257 16.31 -5.54 -3.49
N SER A 258 17.43 -6.13 -3.11
CA SER A 258 17.85 -7.39 -3.71
C SER A 258 17.18 -8.59 -3.04
N CYS A 259 17.11 -9.69 -3.79
CA CYS A 259 16.52 -10.93 -3.32
C CYS A 259 17.21 -12.07 -4.06
N GLN A 260 16.98 -13.30 -3.63
CA GLN A 260 17.57 -14.44 -4.30
C GLN A 260 16.76 -14.66 -5.57
N THR A 261 17.38 -14.32 -6.70
CA THR A 261 16.73 -14.41 -8.00
C THR A 261 16.23 -15.78 -8.47
N THR A 262 16.94 -16.84 -8.09
CA THR A 262 16.57 -18.19 -8.50
C THR A 262 16.80 -19.23 -7.40
N VAL B 1 2.87 23.72 4.49
CA VAL B 1 3.41 22.68 5.40
C VAL B 1 3.74 23.28 6.78
N ASN B 2 3.14 22.68 7.81
CA ASN B 2 3.35 23.11 9.18
C ASN B 2 4.33 22.17 9.85
N THR B 3 5.12 22.69 10.78
CA THR B 3 6.06 21.85 11.49
C THR B 3 5.73 21.79 12.97
N ILE B 4 5.92 20.60 13.55
CA ILE B 4 5.66 20.36 14.96
C ILE B 4 7.02 20.29 15.63
N ILE B 5 7.23 21.10 16.65
CA ILE B 5 8.50 21.10 17.35
C ILE B 5 8.42 20.37 18.69
N TYR B 6 9.33 19.42 18.86
CA TYR B 6 9.39 18.63 20.08
C TYR B 6 10.80 18.68 20.63
N ASN B 7 10.91 19.15 21.87
CA ASN B 7 12.19 19.25 22.54
C ASN B 7 12.50 17.90 23.18
N VAL B 8 13.45 17.17 22.62
CA VAL B 8 13.83 15.87 23.14
C VAL B 8 14.80 15.99 24.31
N GLY B 9 15.72 16.95 24.21
CA GLY B 9 16.71 17.16 25.25
C GLY B 9 16.15 17.51 26.62
N SER B 10 14.94 18.05 26.68
CA SER B 10 14.32 18.44 27.95
C SER B 10 12.80 18.34 27.84
N THR B 11 12.25 17.23 28.35
CA THR B 11 10.80 16.98 28.31
C THR B 11 10.23 16.25 29.51
N THR B 12 8.91 16.01 29.40
CA THR B 12 8.11 15.34 30.39
C THR B 12 7.12 14.47 29.62
N ILE B 13 6.39 13.60 30.31
CA ILE B 13 5.40 12.76 29.67
C ILE B 13 4.27 13.65 29.16
N SER B 14 4.08 14.77 29.82
CA SER B 14 3.06 15.75 29.48
C SER B 14 3.35 16.42 28.15
N LYS B 15 4.61 16.80 27.95
CA LYS B 15 5.03 17.45 26.71
C LYS B 15 5.04 16.47 25.54
N TYR B 16 5.41 15.22 25.78
CA TYR B 16 5.41 14.19 24.75
C TYR B 16 3.99 13.96 24.26
N ALA B 17 3.06 13.92 25.20
CA ALA B 17 1.64 13.72 24.88
C ALA B 17 1.10 14.89 24.05
N THR B 18 1.55 16.10 24.37
CA THR B 18 1.12 17.31 23.64
C THR B 18 1.66 17.26 22.22
N PHE B 19 2.91 16.83 22.09
CA PHE B 19 3.59 16.70 20.81
C PHE B 19 2.78 15.78 19.89
N LEU B 20 2.53 14.54 20.35
CA LEU B 20 1.77 13.57 19.57
C LEU B 20 0.39 14.09 19.25
N ASN B 21 -0.21 14.80 20.19
CA ASN B 21 -1.54 15.37 20.03
C ASN B 21 -1.58 16.44 18.92
N ASP B 22 -0.51 17.22 18.83
CA ASP B 22 -0.40 18.25 17.80
C ASP B 22 -0.17 17.63 16.43
N LEU B 23 0.71 16.62 16.39
CA LEU B 23 1.02 15.89 15.17
C LEU B 23 -0.24 15.21 14.62
N ARG B 24 -1.00 14.55 15.48
CA ARG B 24 -2.22 13.85 15.07
C ARG B 24 -3.21 14.83 14.47
N ASN B 25 -3.38 15.98 15.13
CA ASN B 25 -4.31 17.00 14.65
C ASN B 25 -3.82 17.65 13.37
N GLU B 26 -2.51 17.69 13.18
CA GLU B 26 -1.94 18.28 12.00
C GLU B 26 -2.05 17.35 10.79
N ALA B 27 -1.73 16.08 11.00
CA ALA B 27 -1.76 15.04 9.95
C ALA B 27 -3.16 14.61 9.52
N LYS B 28 -4.01 14.28 10.48
CA LYS B 28 -5.36 13.82 10.20
C LYS B 28 -6.15 14.72 9.23
N ASP B 29 -7.15 14.12 8.59
CA ASP B 29 -8.01 14.86 7.68
C ASP B 29 -8.97 15.66 8.56
N PRO B 30 -9.37 16.86 8.13
CA PRO B 30 -10.29 17.61 8.97
C PRO B 30 -11.61 16.91 9.35
N SER B 31 -12.20 16.16 8.41
CA SER B 31 -13.47 15.50 8.71
C SER B 31 -13.48 13.97 8.63
N LEU B 32 -12.54 13.39 7.89
CA LEU B 32 -12.46 11.94 7.75
C LEU B 32 -12.27 11.23 9.10
N LYS B 33 -13.14 10.26 9.37
CA LYS B 33 -13.06 9.49 10.61
C LYS B 33 -14.05 8.33 10.58
N CYS B 34 -13.64 7.19 11.13
CA CYS B 34 -14.51 6.02 11.17
C CYS B 34 -14.59 5.54 12.60
N TYR B 35 -15.81 5.42 13.13
CA TYR B 35 -16.02 4.95 14.49
C TYR B 35 -15.30 5.80 15.53
N GLY B 36 -15.39 7.13 15.37
CA GLY B 36 -14.76 8.03 16.31
C GLY B 36 -13.24 8.11 16.24
N ILE B 37 -12.63 7.39 15.29
CA ILE B 37 -11.18 7.42 15.14
C ILE B 37 -10.88 8.25 13.90
N PRO B 38 -10.11 9.34 14.08
CA PRO B 38 -9.76 10.20 12.94
C PRO B 38 -8.90 9.45 11.92
N MET B 39 -9.15 9.72 10.65
CA MET B 39 -8.43 9.08 9.54
C MET B 39 -7.50 10.03 8.80
N LEU B 40 -6.37 9.51 8.32
CA LEU B 40 -5.42 10.31 7.57
C LEU B 40 -6.09 10.81 6.28
N PRO B 41 -5.45 11.77 5.58
CA PRO B 41 -6.13 12.22 4.37
C PRO B 41 -5.82 11.53 3.04
N ASN B 42 -6.66 11.85 2.05
CA ASN B 42 -6.51 11.35 0.69
C ASN B 42 -5.21 11.99 0.19
N THR B 43 -4.53 11.32 -0.73
CA THR B 43 -3.26 11.85 -1.25
C THR B 43 -3.42 13.20 -1.94
N ASN B 44 -4.64 13.50 -2.38
CA ASN B 44 -4.95 14.75 -3.07
C ASN B 44 -5.03 15.96 -2.15
N THR B 45 -5.23 15.72 -0.87
CA THR B 45 -5.35 16.79 0.12
C THR B 45 -4.06 17.57 0.40
N ASN B 46 -4.20 18.89 0.44
CA ASN B 46 -3.08 19.78 0.70
C ASN B 46 -3.23 20.50 2.04
N PRO B 47 -2.13 20.63 2.78
CA PRO B 47 -0.80 20.12 2.37
C PRO B 47 -0.73 18.60 2.43
N LYS B 48 0.25 18.04 1.74
CA LYS B 48 0.41 16.59 1.68
C LYS B 48 1.43 16.15 2.70
N TYR B 49 2.07 17.11 3.35
CA TYR B 49 3.10 16.81 4.32
C TYR B 49 2.95 17.54 5.64
N VAL B 50 3.79 17.14 6.59
CA VAL B 50 3.86 17.72 7.92
C VAL B 50 5.29 17.47 8.38
N LEU B 51 5.94 18.50 8.94
CA LEU B 51 7.31 18.37 9.41
C LEU B 51 7.33 18.19 10.92
N VAL B 52 8.37 17.51 11.40
CA VAL B 52 8.55 17.28 12.83
C VAL B 52 9.98 17.62 13.25
N GLU B 53 10.13 18.79 13.88
CA GLU B 53 11.43 19.23 14.34
C GLU B 53 11.78 18.66 15.72
N LEU B 54 12.78 17.77 15.75
CA LEU B 54 13.25 17.14 16.98
C LEU B 54 14.47 17.87 17.50
N GLN B 55 14.29 18.65 18.56
CA GLN B 55 15.39 19.40 19.15
C GLN B 55 16.07 18.58 20.24
N GLY B 56 17.25 18.07 19.93
CA GLY B 56 18.01 17.28 20.89
C GLY B 56 18.90 18.14 21.78
N SER B 57 19.71 17.48 22.59
CA SER B 57 20.64 18.15 23.51
C SER B 57 21.83 18.74 22.77
N ASN B 58 22.43 19.77 23.37
CA ASN B 58 23.61 20.44 22.84
C ASN B 58 23.43 21.03 21.44
N LYS B 59 22.23 21.59 21.21
CA LYS B 59 21.86 22.23 19.95
C LYS B 59 21.91 21.33 18.72
N LYS B 60 21.62 20.04 18.89
CA LYS B 60 21.62 19.08 17.79
C LYS B 60 20.17 18.88 17.40
N THR B 61 19.82 19.25 16.18
CA THR B 61 18.45 19.11 15.69
C THR B 61 18.34 18.35 14.38
N ILE B 62 17.24 17.63 14.22
CA ILE B 62 16.94 16.89 12.99
C ILE B 62 15.47 17.05 12.71
N THR B 63 15.12 17.41 11.49
CA THR B 63 13.73 17.57 11.12
C THR B 63 13.26 16.40 10.26
N LEU B 64 12.13 15.82 10.66
CA LEU B 64 11.55 14.69 9.95
C LEU B 64 10.43 15.14 9.01
N MET B 65 10.46 14.63 7.78
CA MET B 65 9.38 14.95 6.84
C MET B 65 8.44 13.74 6.80
N LEU B 66 7.15 13.97 7.05
CA LEU B 66 6.17 12.90 7.05
C LEU B 66 5.04 13.10 6.04
N ARG B 67 4.69 12.04 5.31
CA ARG B 67 3.57 12.13 4.37
C ARG B 67 2.27 11.99 5.18
N ARG B 68 1.36 12.95 5.06
CA ARG B 68 0.11 12.91 5.82
C ARG B 68 -0.77 11.71 5.53
N ASN B 69 -0.82 11.31 4.25
CA ASN B 69 -1.64 10.20 3.77
C ASN B 69 -1.42 8.87 4.52
N ASN B 70 -0.17 8.54 4.85
CA ASN B 70 0.13 7.30 5.57
C ASN B 70 1.10 7.45 6.75
N LEU B 71 1.46 8.69 7.08
CA LEU B 71 2.40 8.99 8.18
C LEU B 71 3.82 8.43 8.04
N TYR B 72 4.19 8.08 6.82
CA TYR B 72 5.53 7.56 6.61
C TYR B 72 6.56 8.67 6.65
N VAL B 73 7.73 8.34 7.16
CA VAL B 73 8.83 9.28 7.22
C VAL B 73 9.52 9.13 5.85
N MET B 74 9.47 10.19 5.06
CA MET B 74 10.05 10.21 3.73
C MET B 74 11.53 10.54 3.77
N GLY B 75 11.93 11.23 4.82
CA GLY B 75 13.32 11.60 5.00
C GLY B 75 13.45 12.57 6.14
N TYR B 76 14.66 13.13 6.32
CA TYR B 76 14.92 14.10 7.38
C TYR B 76 16.01 15.07 6.96
N SER B 77 16.20 16.12 7.75
CA SER B 77 17.22 17.11 7.47
C SER B 77 17.91 17.49 8.76
N ASP B 78 19.09 18.08 8.63
CA ASP B 78 19.84 18.51 9.81
C ASP B 78 20.70 19.72 9.48
N PRO B 79 20.82 20.65 10.44
CA PRO B 79 21.64 21.85 10.19
C PRO B 79 23.07 21.35 9.99
N PHE B 80 23.64 21.66 8.83
CA PHE B 80 24.97 21.18 8.51
C PHE B 80 25.99 22.28 8.17
N GLU B 81 27.23 22.03 8.57
CA GLU B 81 28.35 22.94 8.36
C GLU B 81 27.98 24.35 8.81
N THR B 82 28.30 25.36 8.01
CA THR B 82 27.99 26.73 8.39
C THR B 82 26.49 27.01 8.45
N ASN B 83 25.92 27.40 7.33
CA ASN B 83 24.50 27.72 7.26
C ASN B 83 23.85 26.83 6.22
N LYS B 84 24.22 25.57 6.20
CA LYS B 84 23.68 24.60 5.25
C LYS B 84 22.55 23.75 5.85
N CYS B 85 21.67 23.30 4.96
CA CYS B 85 20.54 22.45 5.34
C CYS B 85 20.75 21.17 4.55
N ARG B 86 21.16 20.12 5.25
CA ARG B 86 21.42 18.83 4.60
C ARG B 86 20.19 17.93 4.64
N TYR B 87 19.66 17.58 3.46
CA TYR B 87 18.49 16.73 3.36
C TYR B 87 18.88 15.31 2.98
N HIS B 88 18.16 14.35 3.55
CA HIS B 88 18.42 12.92 3.35
C HIS B 88 17.08 12.29 2.92
N ILE B 89 17.01 11.83 1.66
CA ILE B 89 15.78 11.22 1.13
C ILE B 89 15.86 9.70 1.21
N PHE B 90 14.75 9.06 1.55
CA PHE B 90 14.72 7.60 1.61
C PHE B 90 14.81 7.04 0.20
N ASN B 91 15.61 5.99 0.06
CA ASN B 91 15.83 5.33 -1.22
C ASN B 91 14.52 4.99 -1.93
N ASP B 92 13.47 4.75 -1.15
CA ASP B 92 12.18 4.38 -1.70
C ASP B 92 11.24 5.53 -2.10
N ILE B 93 11.76 6.75 -2.10
CA ILE B 93 10.94 7.89 -2.49
C ILE B 93 11.21 8.10 -3.99
N SER B 94 10.14 8.24 -4.77
CA SER B 94 10.28 8.39 -6.22
C SER B 94 9.55 9.57 -6.86
N GLY B 95 10.06 9.95 -8.03
CA GLY B 95 9.48 11.04 -8.81
C GLY B 95 9.46 12.41 -8.20
N THR B 96 8.32 13.08 -8.37
CA THR B 96 8.11 14.42 -7.85
C THR B 96 8.21 14.47 -6.33
N GLU B 97 7.89 13.36 -5.67
CA GLU B 97 7.97 13.30 -4.21
C GLU B 97 9.39 13.53 -3.73
N ARG B 98 10.36 13.15 -4.56
CA ARG B 98 11.77 13.35 -4.23
C ARG B 98 12.15 14.84 -4.22
N GLN B 99 11.53 15.61 -5.11
CA GLN B 99 11.79 17.06 -5.17
C GLN B 99 11.04 17.68 -4.01
N ASP B 100 9.87 17.13 -3.70
CA ASP B 100 9.07 17.63 -2.58
C ASP B 100 9.84 17.55 -1.25
N VAL B 101 10.56 16.45 -1.05
CA VAL B 101 11.32 16.24 0.16
C VAL B 101 12.50 17.21 0.24
N GLU B 102 13.15 17.43 -0.91
CA GLU B 102 14.26 18.36 -0.99
C GLU B 102 13.83 19.79 -0.70
N THR B 103 12.85 20.27 -1.45
CA THR B 103 12.35 21.64 -1.33
C THR B 103 11.49 21.94 -0.10
N THR B 104 10.90 20.91 0.50
CA THR B 104 10.07 21.10 1.68
C THR B 104 10.92 21.18 2.94
N LEU B 105 11.90 20.28 3.05
CA LEU B 105 12.79 20.26 4.19
C LEU B 105 13.75 21.46 4.18
N CYS B 106 14.39 21.68 3.03
CA CYS B 106 15.34 22.78 2.87
C CYS B 106 14.85 23.81 1.83
N PRO B 107 13.95 24.72 2.22
CA PRO B 107 13.35 25.78 1.38
C PRO B 107 14.37 26.69 0.65
N ASN B 108 15.55 26.84 1.24
CA ASN B 108 16.59 27.68 0.65
C ASN B 108 17.47 26.89 -0.32
N ALA B 109 17.15 27.03 -1.61
CA ALA B 109 17.85 26.34 -2.69
C ALA B 109 19.35 26.62 -2.73
N ASN B 110 19.75 27.77 -2.19
CA ASN B 110 21.14 28.16 -2.18
C ASN B 110 22.02 27.48 -1.16
N SER B 111 21.46 27.11 -0.02
CA SER B 111 22.27 26.49 1.02
C SER B 111 22.04 25.01 1.31
N ARG B 112 21.16 24.36 0.54
CA ARG B 112 20.88 22.95 0.77
C ARG B 112 21.84 21.93 0.16
N VAL B 113 22.30 21.02 1.00
CA VAL B 113 23.22 19.95 0.63
C VAL B 113 22.48 18.61 0.73
N SER B 114 22.89 17.63 -0.06
CA SER B 114 22.26 16.32 -0.07
C SER B 114 23.11 15.20 0.50
N LYS B 115 22.45 14.26 1.18
CA LYS B 115 23.09 13.08 1.74
C LYS B 115 21.98 12.05 1.81
N ASN B 116 21.78 11.36 0.70
CA ASN B 116 20.74 10.34 0.56
C ASN B 116 20.82 9.21 1.58
N ILE B 117 19.66 8.63 1.88
CA ILE B 117 19.58 7.47 2.78
C ILE B 117 19.62 6.33 1.76
N ASN B 118 20.74 5.61 1.71
CA ASN B 118 20.95 4.55 0.75
C ASN B 118 20.31 3.19 1.01
N PHE B 119 19.08 3.24 1.51
CA PHE B 119 18.28 2.06 1.81
C PHE B 119 16.84 2.51 2.02
N ASP B 120 15.90 1.59 1.90
CA ASP B 120 14.50 1.95 2.04
C ASP B 120 14.04 2.00 3.49
N SER B 121 12.81 2.46 3.69
CA SER B 121 12.25 2.61 5.03
C SER B 121 11.54 1.40 5.64
N ARG B 122 11.60 0.24 4.97
CA ARG B 122 10.97 -0.97 5.50
C ARG B 122 11.73 -1.44 6.74
N TYR B 123 10.99 -1.96 7.71
CA TYR B 123 11.58 -2.45 8.93
C TYR B 123 12.60 -3.56 8.74
N PRO B 124 12.37 -4.48 7.77
CA PRO B 124 13.37 -5.54 7.58
C PRO B 124 14.68 -4.97 7.08
N THR B 125 14.59 -3.90 6.30
CA THR B 125 15.79 -3.25 5.78
C THR B 125 16.52 -2.53 6.90
N LEU B 126 15.75 -1.78 7.70
CA LEU B 126 16.31 -1.02 8.81
C LEU B 126 16.97 -1.92 9.83
N GLU B 127 16.32 -3.05 10.14
CA GLU B 127 16.82 -4.02 11.10
C GLU B 127 18.11 -4.63 10.54
N SER B 128 18.13 -4.85 9.23
CA SER B 128 19.28 -5.43 8.55
C SER B 128 20.48 -4.49 8.67
N LYS B 129 20.24 -3.20 8.45
CA LYS B 129 21.28 -2.17 8.53
C LYS B 129 21.77 -1.99 9.97
N ALA B 130 20.84 -2.08 10.91
CA ALA B 130 21.14 -1.96 12.34
C ALA B 130 21.90 -3.19 12.85
N GLY B 131 21.93 -4.24 12.02
CA GLY B 131 22.63 -5.47 12.38
C GLY B 131 21.88 -6.36 13.37
N VAL B 132 20.56 -6.26 13.39
CA VAL B 132 19.74 -7.05 14.28
C VAL B 132 18.77 -7.93 13.49
N LYS B 133 18.23 -8.95 14.16
CA LYS B 133 17.27 -9.86 13.54
C LYS B 133 15.87 -9.29 13.70
N SER B 134 15.70 -8.45 14.70
CA SER B 134 14.42 -7.80 14.97
C SER B 134 14.66 -6.52 15.76
N ARG B 135 13.81 -5.51 15.51
CA ARG B 135 13.89 -4.21 16.19
C ARG B 135 13.55 -4.32 17.69
N SER B 136 13.15 -5.52 18.12
CA SER B 136 12.83 -5.76 19.53
C SER B 136 14.14 -5.65 20.30
N GLN B 137 15.24 -5.96 19.60
CA GLN B 137 16.58 -5.93 20.17
C GLN B 137 17.09 -4.49 20.30
N VAL B 138 16.45 -3.58 19.59
CA VAL B 138 16.83 -2.17 19.62
C VAL B 138 15.96 -1.42 20.62
N GLN B 139 16.55 -1.00 21.73
CA GLN B 139 15.82 -0.27 22.75
C GLN B 139 15.39 1.13 22.32
N LEU B 140 14.20 1.50 22.77
CA LEU B 140 13.64 2.82 22.51
C LEU B 140 13.82 3.58 23.81
N GLY B 141 13.61 4.89 23.76
CA GLY B 141 13.76 5.73 24.94
C GLY B 141 14.06 7.17 24.56
N ILE B 142 13.69 8.11 25.43
CA ILE B 142 13.92 9.53 25.19
C ILE B 142 15.40 9.88 25.09
N GLN B 143 16.20 9.38 26.02
CA GLN B 143 17.62 9.64 26.01
C GLN B 143 18.30 8.94 24.83
N ILE B 144 17.72 7.80 24.42
CA ILE B 144 18.25 7.05 23.28
C ILE B 144 18.01 7.87 22.00
N LEU B 145 16.81 8.41 21.85
CA LEU B 145 16.46 9.24 20.70
C LEU B 145 17.40 10.44 20.67
N ASP B 146 17.51 11.10 21.80
CA ASP B 146 18.36 12.27 21.95
C ASP B 146 19.78 11.91 21.52
N SER B 147 20.28 10.79 22.02
CA SER B 147 21.63 10.33 21.71
C SER B 147 21.85 10.03 20.22
N ASN B 148 20.83 9.52 19.54
CA ASN B 148 20.92 9.19 18.11
C ASN B 148 20.88 10.46 17.27
N ILE B 149 20.17 11.48 17.76
CA ILE B 149 20.10 12.75 17.06
C ILE B 149 21.51 13.37 17.06
N GLY B 150 22.20 13.25 18.18
CA GLY B 150 23.54 13.79 18.33
C GLY B 150 24.62 13.10 17.53
N LYS B 151 24.40 11.83 17.18
CA LYS B 151 25.38 11.10 16.39
C LYS B 151 25.23 11.40 14.90
N ILE B 152 24.11 12.00 14.53
CA ILE B 152 23.84 12.32 13.12
C ILE B 152 23.83 13.81 12.79
N SER B 153 23.06 14.60 13.56
CA SER B 153 22.96 16.04 13.36
C SER B 153 24.31 16.74 13.28
N GLY B 154 24.57 17.34 12.13
CA GLY B 154 25.81 18.06 11.89
C GLY B 154 27.06 17.24 11.69
N VAL B 155 26.99 15.92 11.81
CA VAL B 155 28.17 15.09 11.64
C VAL B 155 28.35 14.69 10.18
N MET B 156 29.56 14.91 9.66
CA MET B 156 29.89 14.60 8.28
C MET B 156 29.46 13.23 7.80
N SER B 157 30.20 12.22 8.24
CA SER B 157 29.92 10.85 7.87
C SER B 157 29.47 10.07 9.09
N PHE B 158 28.62 9.10 8.84
CA PHE B 158 28.11 8.23 9.86
C PHE B 158 27.69 6.92 9.21
N THR B 159 27.96 5.83 9.91
CA THR B 159 27.64 4.48 9.44
C THR B 159 26.14 4.29 9.14
N GLU B 160 25.84 3.39 8.20
CA GLU B 160 24.45 3.09 7.85
C GLU B 160 23.76 2.49 9.08
N LYS B 161 24.53 1.81 9.93
CA LYS B 161 24.06 1.19 11.17
C LYS B 161 23.58 2.29 12.11
N THR B 162 24.45 3.27 12.32
CA THR B 162 24.16 4.42 13.17
C THR B 162 22.89 5.12 12.65
N GLU B 163 22.81 5.30 11.34
CA GLU B 163 21.66 5.95 10.74
C GLU B 163 20.38 5.11 10.89
N ALA B 164 20.51 3.79 10.69
CA ALA B 164 19.37 2.88 10.82
C ALA B 164 18.83 2.83 12.26
N GLU B 165 19.71 2.87 13.25
CA GLU B 165 19.30 2.88 14.65
C GLU B 165 18.49 4.14 14.97
N PHE B 166 18.91 5.29 14.43
CA PHE B 166 18.19 6.53 14.64
C PHE B 166 16.82 6.40 13.98
N LEU B 167 16.79 5.99 12.71
CA LEU B 167 15.54 5.84 11.97
C LEU B 167 14.57 4.87 12.66
N LEU B 168 15.09 3.78 13.23
CA LEU B 168 14.26 2.81 13.94
C LEU B 168 13.59 3.47 15.15
N VAL B 169 14.40 4.14 15.98
CA VAL B 169 13.92 4.81 17.19
C VAL B 169 12.99 5.97 16.87
N ALA B 170 13.37 6.79 15.89
CA ALA B 170 12.56 7.94 15.50
C ALA B 170 11.23 7.55 14.89
N ILE B 171 11.24 6.64 13.92
CA ILE B 171 9.99 6.23 13.28
C ILE B 171 9.00 5.65 14.30
N GLN B 172 9.50 4.87 15.26
CA GLN B 172 8.66 4.25 16.29
C GLN B 172 8.15 5.24 17.35
N MET B 173 9.03 6.11 17.84
CA MET B 173 8.64 7.10 18.85
C MET B 173 7.86 8.30 18.27
N VAL B 174 7.87 8.43 16.95
CA VAL B 174 7.17 9.52 16.29
C VAL B 174 5.94 9.03 15.50
N SER B 175 6.18 8.28 14.42
CA SER B 175 5.06 7.80 13.59
C SER B 175 4.19 6.73 14.28
N GLU B 176 4.82 5.68 14.80
CA GLU B 176 4.06 4.62 15.46
C GLU B 176 3.29 5.10 16.67
N ALA B 177 3.90 5.99 17.45
CA ALA B 177 3.25 6.53 18.64
C ALA B 177 2.06 7.40 18.30
N ALA B 178 2.14 8.15 17.19
CA ALA B 178 1.02 8.99 16.76
C ALA B 178 -0.14 8.13 16.27
N ARG B 179 0.17 7.03 15.58
CA ARG B 179 -0.86 6.13 15.08
C ARG B 179 -1.53 5.34 16.20
N PHE B 180 -0.73 4.92 17.19
CA PHE B 180 -1.25 4.09 18.29
C PHE B 180 -1.12 4.67 19.71
N LYS B 181 -2.26 4.78 20.39
CA LYS B 181 -2.31 5.24 21.77
C LYS B 181 -1.50 4.29 22.65
N TYR B 182 -1.62 2.99 22.36
CA TYR B 182 -0.89 1.97 23.10
C TYR B 182 0.60 2.23 23.08
N ILE B 183 1.13 2.50 21.88
CA ILE B 183 2.56 2.74 21.71
C ILE B 183 3.03 4.03 22.40
N GLU B 184 2.16 5.02 22.42
CA GLU B 184 2.45 6.28 23.11
C GLU B 184 2.54 5.99 24.61
N ASN B 185 1.57 5.22 25.12
CA ASN B 185 1.55 4.87 26.55
C ASN B 185 2.74 4.03 26.94
N GLN B 186 3.25 3.20 26.03
CA GLN B 186 4.43 2.38 26.32
C GLN B 186 5.65 3.29 26.55
N VAL B 187 5.74 4.34 25.74
CA VAL B 187 6.83 5.30 25.85
C VAL B 187 6.71 6.04 27.19
N LYS B 188 5.50 6.46 27.52
CA LYS B 188 5.25 7.18 28.76
C LYS B 188 5.49 6.35 30.03
N THR B 189 5.19 5.05 29.98
CA THR B 189 5.40 4.18 31.14
C THR B 189 6.89 3.98 31.41
N ASN B 190 7.69 4.02 30.34
CA ASN B 190 9.14 3.82 30.47
C ASN B 190 9.85 5.11 30.09
N PHE B 191 9.17 6.24 30.27
CA PHE B 191 9.71 7.55 29.90
C PHE B 191 11.11 7.91 30.37
N ASN B 192 11.49 7.44 31.54
CA ASN B 192 12.81 7.76 32.10
C ASN B 192 13.85 6.66 31.96
N ARG B 193 13.61 5.73 31.04
CA ARG B 193 14.55 4.63 30.83
C ARG B 193 14.41 4.04 29.43
N ALA B 194 15.37 3.19 29.08
CA ALA B 194 15.36 2.50 27.80
C ALA B 194 14.51 1.23 27.93
N PHE B 195 13.82 0.84 26.86
CA PHE B 195 12.99 -0.36 26.90
C PHE B 195 12.91 -1.06 25.54
N ASN B 196 12.65 -2.36 25.54
CA ASN B 196 12.53 -3.11 24.30
C ASN B 196 11.05 -3.12 23.90
N PRO B 197 10.75 -2.82 22.62
CA PRO B 197 9.36 -2.82 22.18
C PRO B 197 8.78 -4.23 22.31
N ASN B 198 7.64 -4.38 22.99
CA ASN B 198 7.03 -5.70 23.20
C ASN B 198 6.28 -6.24 21.97
N PRO B 199 5.93 -7.55 21.97
CA PRO B 199 5.21 -8.17 20.84
C PRO B 199 3.98 -7.43 20.36
N LYS B 200 3.32 -6.73 21.27
CA LYS B 200 2.13 -5.99 20.91
C LYS B 200 2.44 -4.70 20.15
N VAL B 201 3.45 -3.94 20.58
CA VAL B 201 3.77 -2.68 19.89
C VAL B 201 4.21 -2.99 18.46
N LEU B 202 5.06 -4.01 18.31
CA LEU B 202 5.56 -4.43 17.01
C LEU B 202 4.46 -4.98 16.10
N ASN B 203 3.57 -5.80 16.66
CA ASN B 203 2.49 -6.38 15.88
C ASN B 203 1.51 -5.29 15.47
N LEU B 204 1.29 -4.33 16.36
CA LEU B 204 0.41 -3.22 16.09
C LEU B 204 0.95 -2.41 14.92
N GLN B 205 2.27 -2.22 14.88
CA GLN B 205 2.94 -1.51 13.79
C GLN B 205 2.75 -2.25 12.47
N GLU B 206 2.98 -3.55 12.51
CA GLU B 206 2.86 -4.40 11.33
C GLU B 206 1.45 -4.64 10.81
N THR B 207 0.42 -4.40 11.62
CA THR B 207 -0.94 -4.63 11.19
C THR B 207 -1.81 -3.38 11.08
N TRP B 208 -1.19 -2.20 11.16
CA TRP B 208 -1.91 -0.92 11.08
C TRP B 208 -2.81 -0.80 9.85
N GLY B 209 -2.30 -1.22 8.69
CA GLY B 209 -3.07 -1.15 7.47
C GLY B 209 -4.31 -2.03 7.52
N LYS B 210 -4.14 -3.24 8.03
CA LYS B 210 -5.21 -4.23 8.16
C LYS B 210 -6.25 -3.76 9.16
N ILE B 211 -5.79 -3.22 10.28
CA ILE B 211 -6.67 -2.68 11.32
C ILE B 211 -7.51 -1.53 10.76
N SER B 212 -6.85 -0.61 10.05
CA SER B 212 -7.51 0.55 9.47
C SER B 212 -8.61 0.17 8.49
N THR B 213 -8.32 -0.84 7.66
CA THR B 213 -9.28 -1.33 6.67
C THR B 213 -10.45 -2.00 7.39
N ALA B 214 -10.13 -2.92 8.29
CA ALA B 214 -11.15 -3.64 9.05
C ALA B 214 -12.13 -2.69 9.74
N ILE B 215 -11.60 -1.67 10.44
CA ILE B 215 -12.45 -0.69 11.14
C ILE B 215 -13.25 0.16 10.14
N HIS B 216 -12.62 0.53 9.03
CA HIS B 216 -13.30 1.33 8.00
C HIS B 216 -14.45 0.54 7.36
N ASP B 217 -14.25 -0.78 7.22
CA ASP B 217 -15.24 -1.67 6.60
C ASP B 217 -16.17 -2.38 7.60
N ALA B 218 -15.98 -2.15 8.89
CA ALA B 218 -16.80 -2.77 9.93
C ALA B 218 -18.25 -2.29 9.83
N LYS B 219 -19.19 -3.19 10.17
CA LYS B 219 -20.62 -2.87 10.13
C LYS B 219 -21.18 -2.97 11.55
N ASN B 220 -21.63 -1.83 12.07
CA ASN B 220 -22.17 -1.73 13.41
C ASN B 220 -21.20 -2.23 14.46
N GLY B 221 -19.93 -1.92 14.25
CA GLY B 221 -18.89 -2.31 15.17
C GLY B 221 -18.31 -3.69 14.93
N VAL B 222 -18.87 -4.39 13.95
CA VAL B 222 -18.39 -5.74 13.63
C VAL B 222 -17.36 -5.76 12.52
N LEU B 223 -16.19 -6.30 12.83
CA LEU B 223 -15.12 -6.42 11.86
C LEU B 223 -15.57 -7.34 10.72
N PRO B 224 -15.20 -7.00 9.47
CA PRO B 224 -15.58 -7.82 8.33
C PRO B 224 -15.32 -9.30 8.58
N LYS B 225 -14.21 -9.58 9.26
CA LYS B 225 -13.83 -10.94 9.62
C LYS B 225 -12.88 -10.86 10.82
N PRO B 226 -12.79 -11.94 11.61
CA PRO B 226 -11.91 -11.95 12.78
C PRO B 226 -10.50 -11.50 12.45
N LEU B 227 -9.95 -10.63 13.29
CA LEU B 227 -8.60 -10.11 13.08
C LEU B 227 -7.66 -10.72 14.13
N GLU B 228 -6.64 -11.41 13.66
CA GLU B 228 -5.68 -12.05 14.54
C GLU B 228 -4.47 -11.17 14.85
N LEU B 229 -4.48 -10.60 16.04
CA LEU B 229 -3.41 -9.73 16.53
C LEU B 229 -2.67 -10.47 17.64
N VAL B 230 -1.78 -9.78 18.34
CA VAL B 230 -1.05 -10.40 19.45
C VAL B 230 -0.86 -9.42 20.60
N ASP B 231 -1.08 -9.90 21.83
CA ASP B 231 -0.92 -9.04 23.00
C ASP B 231 0.51 -8.90 23.49
N ALA B 232 0.68 -8.07 24.52
CA ALA B 232 1.99 -7.77 25.08
C ALA B 232 2.80 -8.96 25.53
N SER B 233 2.14 -10.05 25.93
CA SER B 233 2.86 -11.24 26.38
C SER B 233 3.38 -12.05 25.20
N GLY B 234 2.74 -11.87 24.05
CA GLY B 234 3.15 -12.58 22.85
C GLY B 234 2.13 -13.64 22.48
N ALA B 235 0.93 -13.52 23.03
CA ALA B 235 -0.12 -14.48 22.78
C ALA B 235 -1.09 -13.99 21.71
N LYS B 236 -1.54 -14.91 20.86
CA LYS B 236 -2.51 -14.56 19.81
C LYS B 236 -3.70 -13.88 20.44
N TRP B 237 -4.28 -12.93 19.73
CA TRP B 237 -5.39 -12.16 20.23
C TRP B 237 -6.41 -11.92 19.10
N ILE B 238 -7.52 -12.66 19.12
CA ILE B 238 -8.56 -12.55 18.10
C ILE B 238 -9.54 -11.43 18.41
N VAL B 239 -9.50 -10.37 17.61
CA VAL B 239 -10.41 -9.24 17.77
C VAL B 239 -11.60 -9.47 16.86
N LEU B 240 -12.80 -9.21 17.36
CA LEU B 240 -14.02 -9.39 16.56
C LEU B 240 -14.78 -8.09 16.35
N ARG B 241 -14.58 -7.13 17.24
CA ARG B 241 -15.30 -5.87 17.16
C ARG B 241 -14.36 -4.67 17.23
N VAL B 242 -14.83 -3.54 16.71
CA VAL B 242 -14.06 -2.31 16.73
C VAL B 242 -13.73 -1.94 18.18
N ASP B 243 -14.70 -2.10 19.07
CA ASP B 243 -14.55 -1.80 20.50
C ASP B 243 -13.34 -2.44 21.15
N GLU B 244 -12.93 -3.58 20.61
CA GLU B 244 -11.81 -4.32 21.15
C GLU B 244 -10.45 -3.78 20.76
N ILE B 245 -10.39 -3.10 19.62
CA ILE B 245 -9.12 -2.57 19.13
C ILE B 245 -8.96 -1.04 19.25
N LYS B 246 -10.09 -0.34 19.19
CA LYS B 246 -10.14 1.11 19.28
C LYS B 246 -9.33 1.76 20.40
N PRO B 247 -9.31 1.16 21.60
CA PRO B 247 -8.53 1.75 22.68
C PRO B 247 -7.04 1.95 22.41
N ASP B 248 -6.48 1.10 21.54
CA ASP B 248 -5.07 1.16 21.19
C ASP B 248 -4.77 2.01 19.95
N VAL B 249 -5.80 2.45 19.24
CA VAL B 249 -5.66 3.20 18.00
C VAL B 249 -6.02 4.69 18.05
N ALA B 250 -5.04 5.54 17.74
CA ALA B 250 -5.23 6.99 17.73
C ALA B 250 -5.56 7.53 16.34
N LEU B 251 -4.94 6.95 15.30
CA LEU B 251 -5.14 7.36 13.90
C LEU B 251 -5.30 6.19 12.94
N LEU B 252 -6.19 6.33 11.95
CA LEU B 252 -6.41 5.30 10.95
C LEU B 252 -5.71 5.68 9.65
N ASN B 253 -5.16 4.69 8.95
CA ASN B 253 -4.53 4.92 7.65
C ASN B 253 -5.65 5.33 6.72
N TYR B 254 -5.33 6.09 5.66
CA TYR B 254 -6.37 6.48 4.71
C TYR B 254 -6.89 5.20 4.03
N VAL B 255 -8.21 5.11 3.95
CA VAL B 255 -8.89 3.96 3.33
C VAL B 255 -10.02 4.58 2.52
N GLY B 256 -10.05 4.28 1.22
CA GLY B 256 -11.08 4.83 0.35
C GLY B 256 -12.49 4.34 0.62
N GLY B 257 -13.47 5.19 0.31
CA GLY B 257 -14.87 4.84 0.51
C GLY B 257 -15.47 5.38 1.80
N SER B 258 -16.78 5.21 1.95
CA SER B 258 -17.48 5.68 3.15
C SER B 258 -17.43 4.63 4.26
N CYS B 259 -17.58 5.08 5.49
CA CYS B 259 -17.56 4.23 6.66
C CYS B 259 -18.46 4.87 7.70
N GLN B 260 -18.77 4.12 8.77
CA GLN B 260 -19.60 4.69 9.82
C GLN B 260 -18.66 5.60 10.59
N THR B 261 -18.93 6.90 10.54
CA THR B 261 -18.10 7.91 11.17
C THR B 261 -18.02 7.94 12.68
N THR B 262 -19.06 7.47 13.36
CA THR B 262 -19.10 7.50 14.81
C THR B 262 -19.84 6.31 15.39
N9 ADE C . -6.81 -4.73 -5.96
C8 ADE C . -7.70 -3.78 -5.51
N7 ADE C . -8.19 -3.02 -6.46
C5 ADE C . -7.58 -3.48 -7.62
C6 ADE C . -7.66 -3.09 -8.98
N6 ADE C . -8.41 -2.08 -9.41
N1 ADE C . -6.92 -3.77 -9.87
C2 ADE C . -6.15 -4.78 -9.44
N3 ADE C . -5.99 -5.25 -8.20
C4 ADE C . -6.73 -4.55 -7.33
HN61 ADE C . -8.40 -1.82 -10.38
HN62 ADE C . -8.98 -1.57 -8.75
N9 ADE D . 6.40 1.83 8.19
C8 ADE D . 7.42 1.37 7.41
N7 ADE D . 8.31 2.29 7.10
C5 ADE D . 7.84 3.43 7.74
C6 ADE D . 8.33 4.75 7.78
N6 ADE D . 9.44 5.14 7.19
N1 ADE D . 7.61 5.64 8.49
C2 ADE D . 6.50 5.24 9.11
N3 ADE D . 5.94 4.03 9.13
C4 ADE D . 6.67 3.17 8.41
HN61 ADE D . 10.00 4.47 6.69
HN62 ADE D . 9.73 6.11 7.24
#